data_8IA3
#
_entry.id   8IA3
#
_cell.length_a   78.847
_cell.length_b   56.951
_cell.length_c   232.118
_cell.angle_alpha   90.00
_cell.angle_beta   90.92
_cell.angle_gamma   90.00
#
_symmetry.space_group_name_H-M   'I 1 2 1'
#
loop_
_entity.id
_entity.type
_entity.pdbx_description
1 polymer 'Upstream stimulatory factor 2'
2 polymer "DNA (5'-D(P*GP*AP*CP*GP*GP*GP*CP*AP*CP*GP*TP*GP*AP*CP*GP*CP*GP*C)-3')"
3 polymer "DNA (5'-D(*GP*CP*GP*CP*GP*TP*CP*AP*CP*GP*TP*GP*CP*CP*CP*GP*TP*C)-3')"
#
loop_
_entity_poly.entity_id
_entity_poly.type
_entity_poly.pdbx_seq_one_letter_code
_entity_poly.pdbx_strand_id
1 'polypeptide(L)'
;GSRRRAQHNEVERRRRDKINNWIVQLSKIIPDCNADNSKTGASKGGILSKACDYIRELRQTNQRMQETFKEAERLQMDNE
LLRQQIEELKNENALLRAQLQQHNLEMVGEGTRQ
;
A,B,E,F
2 'polydeoxyribonucleotide' (DG)(DA)(DC)(DG)(DG)(DG)(DC)(DA)(DC)(DG)(DT)(DG)(DA)(DC)(DG)(DC)(DG)(DC) C,G
3 'polydeoxyribonucleotide' (DG)(DC)(DG)(DC)(DG)(DT)(DC)(DA)(DC)(DG)(DT)(DG)(DC)(DC)(DC)(DG)(DT)(DC) D,H
#
# COMPACT_ATOMS: atom_id res chain seq x y z
N ARG A 4 -13.24 -51.42 31.06
CA ARG A 4 -14.58 -50.91 30.76
C ARG A 4 -14.49 -49.45 30.27
N ARG A 5 -14.76 -48.46 31.11
CA ARG A 5 -14.46 -47.09 30.74
C ARG A 5 -12.96 -46.79 30.78
N ALA A 6 -12.16 -47.67 31.40
CA ALA A 6 -10.71 -47.49 31.37
C ALA A 6 -10.15 -47.64 29.96
N GLN A 7 -10.91 -48.26 29.05
CA GLN A 7 -10.56 -48.23 27.64
C GLN A 7 -10.96 -46.91 27.00
N HIS A 8 -11.98 -46.25 27.55
CA HIS A 8 -12.43 -44.96 27.05
C HIS A 8 -11.47 -43.85 27.46
N ASN A 9 -10.73 -44.03 28.55
CA ASN A 9 -9.68 -43.08 28.91
C ASN A 9 -8.61 -43.01 27.84
N GLU A 10 -8.34 -44.14 27.19
CA GLU A 10 -7.30 -44.19 26.16
C GLU A 10 -7.74 -43.51 24.88
N VAL A 11 -9.04 -43.52 24.58
CA VAL A 11 -9.54 -42.83 23.39
C VAL A 11 -9.48 -41.32 23.59
N GLU A 12 -9.76 -40.83 24.80
CA GLU A 12 -9.54 -39.42 25.10
C GLU A 12 -8.07 -39.04 24.96
N ARG A 13 -7.18 -39.88 25.50
CA ARG A 13 -5.75 -39.61 25.38
C ARG A 13 -5.32 -39.53 23.93
N ARG A 14 -5.93 -40.32 23.05
CA ARG A 14 -5.65 -40.19 21.63
C ARG A 14 -6.14 -38.85 21.09
N ARG A 15 -7.40 -38.51 21.38
CA ARG A 15 -8.01 -37.36 20.72
C ARG A 15 -7.56 -36.03 21.33
N ARG A 16 -7.30 -35.98 22.64
CA ARG A 16 -6.69 -34.78 23.20
C ARG A 16 -5.30 -34.55 22.62
N ASP A 17 -4.54 -35.63 22.45
CA ASP A 17 -3.21 -35.52 21.85
C ASP A 17 -3.29 -35.03 20.41
N LYS A 18 -4.35 -35.42 19.69
CA LYS A 18 -4.57 -34.89 18.35
C LYS A 18 -4.66 -33.37 18.36
N ILE A 19 -5.41 -32.81 19.31
CA ILE A 19 -5.63 -31.36 19.32
C ILE A 19 -4.34 -30.62 19.65
N ASN A 20 -3.60 -31.07 20.65
CA ASN A 20 -2.34 -30.41 20.99
C ASN A 20 -1.34 -30.50 19.86
N ASN A 21 -1.26 -31.67 19.20
CA ASN A 21 -0.37 -31.80 18.06
C ASN A 21 -0.87 -31.03 16.85
N TRP A 22 -2.17 -30.68 16.81
CA TRP A 22 -2.64 -29.78 15.77
C TRP A 22 -2.24 -28.34 16.07
N ILE A 23 -2.14 -27.98 17.35
CA ILE A 23 -1.72 -26.63 17.71
C ILE A 23 -0.24 -26.43 17.43
N VAL A 24 0.58 -27.46 17.69
CA VAL A 24 2.02 -27.30 17.50
C VAL A 24 2.35 -27.22 16.01
N GLN A 25 1.65 -28.00 15.18
CA GLN A 25 1.74 -27.80 13.74
C GLN A 25 1.23 -26.42 13.36
N LEU A 26 0.14 -25.98 13.99
CA LEU A 26 -0.30 -24.59 13.84
C LEU A 26 0.77 -23.64 14.34
N SER A 27 1.38 -23.96 15.50
CA SER A 27 2.43 -23.11 16.06
C SER A 27 3.62 -23.00 15.10
N LYS A 28 4.00 -24.10 14.47
CA LYS A 28 5.21 -24.10 13.64
C LYS A 28 5.04 -23.27 12.38
N ILE A 29 3.82 -22.91 12.00
CA ILE A 29 3.56 -22.23 10.75
C ILE A 29 3.17 -20.75 10.91
N ILE A 30 2.70 -20.33 12.07
CA ILE A 30 2.55 -18.88 12.29
C ILE A 30 3.92 -18.29 12.56
N PRO A 31 4.32 -17.20 11.87
CA PRO A 31 5.60 -16.57 12.19
C PRO A 31 5.65 -15.94 13.58
N ASP A 32 4.50 -15.57 14.14
CA ASP A 32 4.49 -14.84 15.42
C ASP A 32 4.86 -15.75 16.58
N CYS A 33 4.42 -17.02 16.53
CA CYS A 33 4.70 -17.95 17.61
C CYS A 33 6.16 -18.39 17.64
N ASN A 34 6.89 -18.21 16.54
CA ASN A 34 8.27 -18.64 16.41
C ASN A 34 9.28 -17.54 16.75
N ALA A 35 8.81 -16.37 17.23
CA ALA A 35 9.71 -15.30 17.64
C ALA A 35 9.37 -14.68 18.98
N ASP A 36 8.23 -15.02 19.60
CA ASP A 36 7.82 -14.43 20.87
C ASP A 36 8.08 -15.46 21.97
N ASN A 37 9.26 -15.37 22.59
CA ASN A 37 9.65 -16.27 23.67
C ASN A 37 8.93 -15.83 24.94
N SER A 38 7.68 -16.30 25.08
CA SER A 38 6.85 -16.01 26.23
C SER A 38 6.09 -17.27 26.62
N LYS A 39 5.61 -17.30 27.86
CA LYS A 39 4.81 -18.42 28.35
C LYS A 39 3.32 -18.23 28.07
N THR A 40 2.92 -17.10 27.48
CA THR A 40 1.56 -16.89 27.00
C THR A 40 1.43 -17.17 25.51
N GLY A 41 2.39 -16.73 24.71
CA GLY A 41 2.40 -17.08 23.30
C GLY A 41 2.60 -18.57 23.07
N ALA A 42 3.46 -19.20 23.87
CA ALA A 42 3.71 -20.62 23.74
C ALA A 42 2.58 -21.47 24.29
N SER A 43 1.60 -20.86 24.96
CA SER A 43 0.48 -21.61 25.49
C SER A 43 -0.42 -22.10 24.36
N LYS A 44 -1.15 -23.21 24.62
CA LYS A 44 -2.10 -23.72 23.65
C LYS A 44 -3.11 -22.64 23.27
N GLY A 45 -3.56 -21.86 24.26
CA GLY A 45 -4.52 -20.79 24.01
C GLY A 45 -3.95 -19.60 23.27
N GLY A 46 -2.62 -19.44 23.29
CA GLY A 46 -2.01 -18.35 22.54
C GLY A 46 -1.97 -18.64 21.06
N ILE A 47 -1.56 -19.85 20.68
CA ILE A 47 -1.45 -20.23 19.27
C ILE A 47 -2.78 -20.04 18.55
N LEU A 48 -3.89 -20.25 19.25
CA LEU A 48 -5.20 -20.10 18.62
C LEU A 48 -5.47 -18.64 18.26
N SER A 49 -5.47 -17.75 19.26
CA SER A 49 -5.70 -16.33 19.00
C SER A 49 -4.59 -15.69 18.18
N LYS A 50 -3.45 -16.36 18.02
CA LYS A 50 -2.39 -15.88 17.13
C LYS A 50 -2.68 -16.28 15.68
N ALA A 51 -3.00 -17.56 15.46
CA ALA A 51 -3.44 -17.98 14.14
C ALA A 51 -4.77 -17.33 13.77
N CYS A 52 -5.67 -17.20 14.74
CA CYS A 52 -6.93 -16.50 14.48
C CYS A 52 -6.67 -15.11 13.95
N ASP A 53 -5.63 -14.43 14.46
CA ASP A 53 -5.20 -13.15 13.94
C ASP A 53 -4.45 -13.31 12.62
N TYR A 54 -3.56 -14.29 12.53
CA TYR A 54 -2.74 -14.49 11.34
C TYR A 54 -3.63 -14.67 10.11
N ILE A 55 -4.70 -15.45 10.25
CA ILE A 55 -5.64 -15.61 9.15
C ILE A 55 -6.30 -14.28 8.83
N ARG A 56 -6.71 -13.54 9.86
CA ARG A 56 -7.34 -12.25 9.64
C ARG A 56 -6.45 -11.32 8.83
N GLU A 57 -5.14 -11.37 9.07
CA GLU A 57 -4.20 -10.53 8.32
C GLU A 57 -3.82 -11.16 6.99
N LEU A 58 -3.82 -12.50 6.89
CA LEU A 58 -3.58 -13.13 5.60
C LEU A 58 -4.75 -12.92 4.66
N ARG A 59 -5.98 -12.95 5.19
CA ARG A 59 -7.15 -12.62 4.37
C ARG A 59 -7.21 -11.14 4.07
N GLN A 60 -6.58 -10.30 4.90
CA GLN A 60 -6.53 -8.87 4.62
C GLN A 60 -5.67 -8.56 3.40
N THR A 61 -4.50 -9.18 3.30
CA THR A 61 -3.66 -8.97 2.13
C THR A 61 -4.28 -9.60 0.89
N ASN A 62 -4.91 -10.77 1.02
CA ASN A 62 -5.60 -11.38 -0.10
C ASN A 62 -6.73 -10.49 -0.60
N GLN A 63 -7.47 -9.87 0.33
CA GLN A 63 -8.58 -9.03 -0.09
C GLN A 63 -8.13 -7.64 -0.54
N ARG A 64 -6.85 -7.30 -0.31
CA ARG A 64 -6.25 -6.20 -1.05
C ARG A 64 -6.04 -6.58 -2.51
N MET A 65 -5.51 -7.78 -2.75
CA MET A 65 -5.16 -8.18 -4.10
C MET A 65 -6.39 -8.24 -5.00
N GLN A 66 -7.48 -8.82 -4.51
CA GLN A 66 -8.70 -8.91 -5.31
C GLN A 66 -9.25 -7.53 -5.64
N GLU A 67 -9.25 -6.63 -4.65
CA GLU A 67 -9.93 -5.34 -4.82
C GLU A 67 -9.21 -4.47 -5.85
N THR A 68 -7.90 -4.61 -5.98
CA THR A 68 -7.15 -3.83 -6.94
C THR A 68 -7.12 -4.47 -8.34
N PHE A 69 -7.96 -5.48 -8.57
CA PHE A 69 -8.14 -6.05 -9.90
C PHE A 69 -9.46 -5.67 -10.55
N LYS A 70 -10.55 -5.59 -9.77
CA LYS A 70 -11.80 -5.06 -10.30
C LYS A 70 -11.64 -3.64 -10.82
N GLU A 71 -10.75 -2.87 -10.19
CA GLU A 71 -10.45 -1.51 -10.61
C GLU A 71 -9.31 -1.46 -11.62
N ALA A 72 -8.62 -2.57 -11.86
CA ALA A 72 -7.45 -2.57 -12.74
C ALA A 72 -7.84 -2.27 -14.17
N GLU A 73 -8.97 -2.80 -14.63
CA GLU A 73 -9.44 -2.48 -15.98
C GLU A 73 -9.81 -1.01 -16.08
N ARG A 74 -10.46 -0.45 -15.05
CA ARG A 74 -10.92 0.93 -15.14
C ARG A 74 -9.76 1.92 -15.04
N LEU A 75 -8.80 1.66 -14.16
CA LEU A 75 -7.69 2.61 -14.01
C LEU A 75 -6.74 2.56 -15.20
N GLN A 76 -6.54 1.38 -15.79
CA GLN A 76 -5.77 1.32 -17.03
C GLN A 76 -6.54 1.96 -18.17
N MET A 77 -7.88 1.87 -18.13
CA MET A 77 -8.71 2.67 -19.02
C MET A 77 -8.50 4.16 -18.76
N ASP A 78 -8.49 4.56 -17.48
CA ASP A 78 -8.14 5.93 -17.14
C ASP A 78 -6.76 6.29 -17.66
N ASN A 79 -5.84 5.31 -17.70
CA ASN A 79 -4.50 5.59 -18.19
C ASN A 79 -4.52 6.02 -19.66
N GLU A 80 -5.36 5.40 -20.47
CA GLU A 80 -5.49 5.84 -21.86
C GLU A 80 -6.01 7.27 -21.93
N LEU A 81 -6.94 7.62 -21.03
CA LEU A 81 -7.53 8.95 -21.05
C LEU A 81 -6.51 10.02 -20.68
N LEU A 82 -5.93 9.93 -19.48
CA LEU A 82 -4.96 10.92 -19.05
C LEU A 82 -3.67 10.87 -19.87
N ARG A 83 -3.37 9.74 -20.52
CA ARG A 83 -2.25 9.73 -21.46
C ARG A 83 -2.57 10.50 -22.73
N GLN A 84 -3.85 10.70 -23.04
CA GLN A 84 -4.23 11.61 -24.10
C GLN A 84 -4.25 13.06 -23.63
N GLN A 85 -4.68 13.29 -22.39
CA GLN A 85 -4.83 14.65 -21.89
C GLN A 85 -3.48 15.35 -21.76
N ILE A 86 -2.40 14.61 -21.53
CA ILE A 86 -1.08 15.23 -21.43
C ILE A 86 -0.68 15.83 -22.77
N GLU A 87 -0.92 15.09 -23.86
CA GLU A 87 -0.44 15.50 -25.17
C GLU A 87 -1.25 16.66 -25.76
N GLU A 88 -2.58 16.60 -25.62
CA GLU A 88 -3.39 17.72 -26.08
C GLU A 88 -3.05 18.99 -25.31
N LEU A 89 -2.75 18.86 -24.02
CA LEU A 89 -2.32 20.00 -23.24
C LEU A 89 -0.88 20.40 -23.56
N LYS A 90 0.00 19.43 -23.80
CA LYS A 90 1.39 19.76 -24.10
C LYS A 90 1.54 20.41 -25.46
N ASN A 91 0.79 19.92 -26.46
CA ASN A 91 0.85 20.54 -27.78
C ASN A 91 0.30 21.97 -27.75
N GLU A 92 -0.83 22.17 -27.06
CA GLU A 92 -1.32 23.53 -26.87
C GLU A 92 -0.38 24.34 -25.98
N ASN A 93 0.25 23.68 -24.99
CA ASN A 93 1.26 24.36 -24.17
C ASN A 93 2.46 24.76 -25.02
N ALA A 94 2.90 23.88 -25.92
CA ALA A 94 3.99 24.22 -26.82
C ALA A 94 3.55 25.22 -27.88
N LEU A 95 2.32 25.06 -28.39
CA LEU A 95 1.77 26.01 -29.36
C LEU A 95 1.71 27.42 -28.77
N LEU A 96 1.17 27.53 -27.56
CA LEU A 96 0.96 28.85 -26.97
C LEU A 96 2.25 29.47 -26.46
N ARG A 97 3.19 28.66 -25.97
CA ARG A 97 4.48 29.20 -25.56
C ARG A 97 5.27 29.70 -26.75
N ALA A 98 5.12 29.04 -27.91
CA ALA A 98 5.62 29.63 -29.15
C ALA A 98 4.82 30.87 -29.52
N GLN A 99 3.52 30.88 -29.26
CA GLN A 99 2.69 32.03 -29.60
C GLN A 99 2.77 33.14 -28.55
N LEU A 100 3.37 32.86 -27.39
CA LEU A 100 3.66 33.92 -26.42
C LEU A 100 5.08 34.45 -26.57
N GLN A 101 6.07 33.54 -26.63
CA GLN A 101 7.46 33.96 -26.67
C GLN A 101 7.89 34.52 -28.02
N GLN A 102 7.07 34.38 -29.07
CA GLN A 102 7.38 34.98 -30.36
C GLN A 102 6.51 36.18 -30.69
N HIS A 103 5.49 36.47 -29.88
CA HIS A 103 4.71 37.69 -30.02
C HIS A 103 5.00 38.72 -28.93
N ASN A 104 5.46 38.28 -27.75
CA ASN A 104 6.02 39.21 -26.78
C ASN A 104 7.21 39.96 -27.37
N LEU A 105 7.92 39.32 -28.29
CA LEU A 105 9.09 39.91 -28.92
C LEU A 105 8.73 40.88 -30.04
N GLU A 106 7.52 40.78 -30.58
CA GLU A 106 7.04 41.66 -31.64
C GLU A 106 6.42 42.93 -31.07
N MET A 107 6.34 43.06 -29.74
CA MET A 107 5.82 44.26 -29.08
C MET A 107 6.91 45.15 -28.50
N VAL A 108 8.14 44.63 -28.35
CA VAL A 108 9.21 45.41 -27.74
C VAL A 108 9.72 46.48 -28.70
N GLY A 109 9.98 46.10 -29.95
CA GLY A 109 10.47 47.04 -30.95
C GLY A 109 9.49 47.22 -32.10
N GLU A 110 8.21 47.34 -31.76
CA GLU A 110 7.16 47.39 -32.79
C GLU A 110 7.34 48.60 -33.70
N GLY A 111 7.47 49.79 -33.13
CA GLY A 111 7.58 51.01 -33.91
C GLY A 111 6.33 51.34 -34.70
N ARG B 4 -12.71 -21.41 48.64
CA ARG B 4 -13.11 -22.66 47.99
C ARG B 4 -12.39 -22.91 46.68
N ARG B 5 -12.67 -24.08 46.10
CA ARG B 5 -12.23 -24.41 44.76
C ARG B 5 -13.24 -23.98 43.70
N ALA B 6 -14.39 -23.43 44.13
CA ALA B 6 -15.38 -22.94 43.18
C ALA B 6 -14.87 -21.76 42.37
N GLN B 7 -13.85 -21.04 42.88
CA GLN B 7 -13.21 -20.02 42.06
C GLN B 7 -12.31 -20.67 41.02
N HIS B 8 -11.79 -21.85 41.31
CA HIS B 8 -10.89 -22.51 40.38
C HIS B 8 -11.66 -23.25 39.29
N ASN B 9 -12.90 -23.66 39.57
CA ASN B 9 -13.77 -24.17 38.52
C ASN B 9 -14.15 -23.07 37.54
N GLU B 10 -14.46 -21.88 38.06
CA GLU B 10 -14.78 -20.73 37.22
C GLU B 10 -13.57 -20.28 36.41
N VAL B 11 -12.36 -20.39 36.97
CA VAL B 11 -11.17 -20.01 36.23
C VAL B 11 -10.98 -20.94 35.04
N GLU B 12 -11.13 -22.25 35.24
CA GLU B 12 -11.02 -23.20 34.12
C GLU B 12 -12.16 -23.03 33.14
N ARG B 13 -13.38 -22.80 33.64
CA ARG B 13 -14.51 -22.57 32.74
C ARG B 13 -14.29 -21.32 31.90
N ARG B 14 -13.70 -20.28 32.50
CA ARG B 14 -13.32 -19.11 31.72
C ARG B 14 -12.26 -19.47 30.68
N ARG B 15 -11.23 -20.22 31.10
CA ARG B 15 -10.17 -20.59 30.17
C ARG B 15 -10.70 -21.48 29.05
N ARG B 16 -11.59 -22.41 29.38
CA ARG B 16 -12.21 -23.24 28.34
C ARG B 16 -13.11 -22.42 27.42
N ASP B 17 -13.78 -21.40 27.95
CA ASP B 17 -14.65 -20.57 27.12
C ASP B 17 -13.84 -19.72 26.14
N LYS B 18 -12.71 -19.19 26.58
CA LYS B 18 -11.83 -18.47 25.66
C LYS B 18 -11.35 -19.38 24.55
N ILE B 19 -10.97 -20.61 24.90
CA ILE B 19 -10.45 -21.55 23.91
C ILE B 19 -11.50 -21.88 22.87
N ASN B 20 -12.70 -22.25 23.32
CA ASN B 20 -13.76 -22.62 22.38
C ASN B 20 -14.17 -21.44 21.52
N ASN B 21 -14.18 -20.24 22.10
CA ASN B 21 -14.47 -19.04 21.32
C ASN B 21 -13.34 -18.68 20.36
N TRP B 22 -12.18 -19.32 20.47
CA TRP B 22 -11.09 -19.07 19.54
C TRP B 22 -10.96 -20.13 18.45
N ILE B 23 -11.61 -21.28 18.60
CA ILE B 23 -11.79 -22.15 17.45
C ILE B 23 -13.11 -21.83 16.74
N VAL B 24 -14.11 -21.32 17.49
CA VAL B 24 -15.36 -20.94 16.86
C VAL B 24 -15.17 -19.74 15.95
N GLN B 25 -14.42 -18.72 16.41
CA GLN B 25 -14.01 -17.65 15.51
C GLN B 25 -13.18 -18.21 14.36
N LEU B 26 -12.27 -19.13 14.67
CA LEU B 26 -11.55 -19.85 13.63
C LEU B 26 -12.52 -20.64 12.75
N SER B 27 -13.50 -21.30 13.36
CA SER B 27 -14.48 -22.06 12.59
C SER B 27 -15.26 -21.16 11.65
N LYS B 28 -15.64 -19.97 12.11
CA LYS B 28 -16.54 -19.08 11.39
C LYS B 28 -15.89 -18.42 10.18
N ILE B 29 -14.60 -18.66 9.93
CA ILE B 29 -13.88 -17.90 8.92
C ILE B 29 -13.26 -18.77 7.82
N ILE B 30 -12.93 -20.02 8.12
CA ILE B 30 -12.34 -20.88 7.09
C ILE B 30 -13.44 -21.38 6.16
N PRO B 31 -13.36 -21.11 4.86
CA PRO B 31 -14.40 -21.59 3.94
C PRO B 31 -14.49 -23.11 3.83
N ASP B 32 -13.43 -23.84 4.21
CA ASP B 32 -13.47 -25.30 4.16
C ASP B 32 -14.55 -25.85 5.08
N CYS B 33 -14.57 -25.41 6.33
CA CYS B 33 -15.57 -25.82 7.30
C CYS B 33 -16.80 -24.93 7.32
N ASN B 34 -16.86 -23.93 6.43
CA ASN B 34 -18.05 -23.10 6.29
C ASN B 34 -19.11 -23.88 5.53
N ALA B 35 -20.19 -24.25 6.22
CA ALA B 35 -21.37 -24.87 5.61
C ALA B 35 -21.05 -26.20 4.93
N ASP B 36 -20.05 -26.94 5.43
CA ASP B 36 -19.85 -28.32 5.01
C ASP B 36 -20.53 -29.31 5.93
N ASN B 37 -20.87 -28.90 7.16
CA ASN B 37 -21.76 -29.63 8.05
C ASN B 37 -21.27 -31.05 8.33
N SER B 38 -19.96 -31.27 8.24
CA SER B 38 -19.41 -32.59 8.51
C SER B 38 -19.44 -32.88 10.01
N LYS B 39 -19.44 -34.18 10.36
CA LYS B 39 -19.40 -34.56 11.76
C LYS B 39 -17.97 -34.50 12.32
N THR B 40 -16.97 -34.73 11.47
CA THR B 40 -15.58 -34.55 11.85
C THR B 40 -15.01 -33.22 11.39
N GLY B 41 -15.50 -32.67 10.28
CA GLY B 41 -15.04 -31.37 9.83
C GLY B 41 -15.43 -30.25 10.77
N ALA B 42 -16.65 -30.31 11.32
CA ALA B 42 -17.14 -29.31 12.26
C ALA B 42 -16.65 -29.57 13.68
N SER B 43 -15.94 -30.67 13.92
CA SER B 43 -15.37 -30.93 15.22
C SER B 43 -14.22 -29.97 15.49
N LYS B 44 -13.89 -29.81 16.77
CA LYS B 44 -12.83 -28.88 17.16
C LYS B 44 -11.49 -29.29 16.55
N GLY B 45 -11.15 -30.58 16.64
CA GLY B 45 -9.89 -31.06 16.08
C GLY B 45 -9.78 -30.93 14.58
N GLY B 46 -10.92 -30.88 13.88
CA GLY B 46 -10.92 -30.75 12.44
C GLY B 46 -10.67 -29.34 11.96
N ILE B 47 -11.22 -28.35 12.67
CA ILE B 47 -10.99 -26.95 12.31
C ILE B 47 -9.50 -26.64 12.34
N LEU B 48 -8.77 -27.23 13.29
CA LEU B 48 -7.34 -27.01 13.36
C LEU B 48 -6.64 -27.54 12.11
N SER B 49 -6.96 -28.77 11.72
CA SER B 49 -6.47 -29.30 10.45
C SER B 49 -6.99 -28.50 9.26
N LYS B 50 -8.17 -27.89 9.41
CA LYS B 50 -8.72 -27.05 8.35
C LYS B 50 -8.07 -25.67 8.36
N ALA B 51 -7.80 -25.12 9.55
CA ALA B 51 -7.04 -23.88 9.64
C ALA B 51 -5.59 -24.08 9.26
N CYS B 52 -5.00 -25.21 9.66
CA CYS B 52 -3.66 -25.58 9.20
C CYS B 52 -3.58 -25.60 7.69
N ASP B 53 -4.60 -26.18 7.05
CA ASP B 53 -4.67 -26.29 5.60
C ASP B 53 -5.19 -25.03 4.93
N TYR B 54 -5.63 -24.03 5.71
CA TYR B 54 -6.07 -22.76 5.17
C TYR B 54 -5.00 -21.67 5.31
N ILE B 55 -4.28 -21.65 6.44
CA ILE B 55 -3.14 -20.75 6.56
C ILE B 55 -2.08 -21.13 5.55
N ARG B 56 -1.72 -22.40 5.51
CA ARG B 56 -0.65 -22.87 4.64
C ARG B 56 -1.02 -22.76 3.18
N GLU B 57 -2.31 -22.72 2.85
CA GLU B 57 -2.73 -22.49 1.47
C GLU B 57 -2.74 -21.01 1.13
N LEU B 58 -3.16 -20.16 2.08
CA LEU B 58 -3.16 -18.72 1.84
C LEU B 58 -1.74 -18.18 1.72
N ARG B 59 -0.81 -18.72 2.50
CA ARG B 59 0.60 -18.35 2.32
C ARG B 59 1.08 -18.69 0.91
N GLN B 60 0.79 -19.92 0.46
CA GLN B 60 1.21 -20.32 -0.88
C GLN B 60 0.53 -19.48 -1.95
N THR B 61 -0.73 -19.11 -1.72
CA THR B 61 -1.46 -18.28 -2.68
C THR B 61 -0.84 -16.89 -2.80
N ASN B 62 -0.72 -16.18 -1.68
CA ASN B 62 -0.35 -14.77 -1.72
C ASN B 62 1.08 -14.54 -2.22
N GLN B 63 1.90 -15.59 -2.28
CA GLN B 63 3.20 -15.45 -2.94
C GLN B 63 3.07 -15.61 -4.45
N ARG B 64 2.13 -16.43 -4.92
CA ARG B 64 1.81 -16.43 -6.35
C ARG B 64 1.25 -15.07 -6.76
N MET B 65 0.53 -14.41 -5.86
CA MET B 65 -0.03 -13.10 -6.17
C MET B 65 1.05 -12.03 -6.26
N GLN B 66 1.95 -11.98 -5.28
CA GLN B 66 2.94 -10.90 -5.24
C GLN B 66 3.84 -10.91 -6.46
N GLU B 67 3.96 -12.05 -7.15
CA GLU B 67 4.67 -12.07 -8.41
C GLU B 67 4.02 -11.13 -9.42
N THR B 68 2.69 -11.18 -9.53
CA THR B 68 1.96 -10.32 -10.45
C THR B 68 1.46 -9.04 -9.79
N PHE B 69 1.37 -9.00 -8.46
CA PHE B 69 0.70 -7.87 -7.83
C PHE B 69 1.56 -6.62 -7.85
N LYS B 70 2.87 -6.76 -7.59
CA LYS B 70 3.73 -5.59 -7.56
C LYS B 70 3.67 -4.83 -8.88
N GLU B 71 3.59 -5.56 -10.00
CA GLU B 71 3.40 -4.92 -11.30
C GLU B 71 2.01 -4.31 -11.42
N ALA B 72 1.00 -4.96 -10.83
CA ALA B 72 -0.34 -4.39 -10.82
C ALA B 72 -0.42 -3.15 -9.92
N GLU B 73 0.36 -3.13 -8.84
CA GLU B 73 0.34 -1.99 -7.94
C GLU B 73 0.80 -0.72 -8.65
N ARG B 74 1.79 -0.83 -9.53
CA ARG B 74 2.36 0.36 -10.15
C ARG B 74 1.34 1.08 -11.02
N LEU B 75 0.35 0.35 -11.56
CA LEU B 75 -0.62 0.97 -12.46
C LEU B 75 -1.45 2.03 -11.77
N GLN B 76 -1.64 1.91 -10.45
CA GLN B 76 -2.34 2.97 -9.71
C GLN B 76 -1.37 4.07 -9.31
N MET B 77 -0.11 3.73 -9.01
CA MET B 77 0.92 4.75 -8.82
C MET B 77 0.99 5.63 -10.06
N ASP B 78 1.00 5.01 -11.24
CA ASP B 78 1.02 5.78 -12.48
C ASP B 78 -0.26 6.60 -12.63
N ASN B 79 -1.39 6.06 -12.18
CA ASN B 79 -2.64 6.79 -12.31
C ASN B 79 -2.56 8.11 -11.55
N GLU B 80 -1.95 8.10 -10.36
CA GLU B 80 -1.68 9.36 -9.67
C GLU B 80 -0.65 10.20 -10.42
N LEU B 81 0.47 9.57 -10.80
CA LEU B 81 1.55 10.26 -11.49
C LEU B 81 1.05 11.06 -12.69
N LEU B 82 0.46 10.34 -13.64
CA LEU B 82 -0.03 10.98 -14.86
C LEU B 82 -1.19 11.92 -14.55
N ARG B 83 -1.95 11.64 -13.50
CA ARG B 83 -2.92 12.60 -13.01
C ARG B 83 -2.23 13.87 -12.55
N GLN B 84 -1.11 13.73 -11.83
CA GLN B 84 -0.38 14.90 -11.33
C GLN B 84 0.25 15.69 -12.47
N GLN B 85 0.66 15.02 -13.54
CA GLN B 85 1.21 15.73 -14.68
C GLN B 85 0.18 16.67 -15.30
N ILE B 86 -1.09 16.27 -15.32
CA ILE B 86 -2.11 17.04 -16.02
C ILE B 86 -2.21 18.45 -15.45
N GLU B 87 -2.15 18.59 -14.13
CA GLU B 87 -2.26 19.92 -13.53
C GLU B 87 -1.00 20.75 -13.76
N GLU B 88 0.17 20.12 -13.79
CA GLU B 88 1.41 20.83 -14.11
C GLU B 88 1.32 21.49 -15.48
N LEU B 89 0.76 20.77 -16.46
CA LEU B 89 0.55 21.33 -17.79
C LEU B 89 -0.77 22.07 -17.94
N LYS B 90 -1.78 21.77 -17.11
CA LYS B 90 -2.98 22.60 -17.12
C LYS B 90 -2.73 23.98 -16.53
N ASN B 91 -1.84 24.09 -15.54
CA ASN B 91 -1.50 25.40 -15.01
C ASN B 91 -0.65 26.19 -16.00
N GLU B 92 0.33 25.53 -16.63
CA GLU B 92 1.11 26.21 -17.67
C GLU B 92 0.23 26.60 -18.85
N ASN B 93 -0.68 25.71 -19.24
CA ASN B 93 -1.60 26.04 -20.33
C ASN B 93 -2.53 27.18 -19.96
N ALA B 94 -3.09 27.15 -18.75
CA ALA B 94 -3.95 28.26 -18.31
C ALA B 94 -3.14 29.53 -18.10
N LEU B 95 -1.90 29.40 -17.62
CA LEU B 95 -1.01 30.56 -17.52
C LEU B 95 -0.73 31.15 -18.90
N LEU B 96 -0.46 30.28 -19.87
CA LEU B 96 -0.25 30.73 -21.24
C LEU B 96 -1.54 31.20 -21.89
N ARG B 97 -2.69 30.65 -21.47
CA ARG B 97 -3.97 31.00 -22.07
C ARG B 97 -4.44 32.38 -21.66
N ALA B 98 -3.91 32.91 -20.54
CA ALA B 98 -4.28 34.24 -20.06
C ALA B 98 -3.14 35.24 -20.21
N GLN B 99 -2.24 35.01 -21.17
CA GLN B 99 -1.15 35.95 -21.44
C GLN B 99 -1.02 36.34 -22.90
N LEU B 100 -1.57 35.56 -23.83
CA LEU B 100 -1.59 35.92 -25.24
C LEU B 100 -2.73 36.88 -25.58
N GLN B 101 -3.53 37.26 -24.59
CA GLN B 101 -4.74 38.04 -24.86
C GLN B 101 -4.41 39.40 -25.48
N GLN B 102 -3.39 40.09 -24.96
CA GLN B 102 -3.06 41.44 -25.39
C GLN B 102 -1.93 41.37 -26.42
N HIS B 103 -2.31 41.15 -27.68
CA HIS B 103 -1.36 41.17 -28.80
C HIS B 103 -2.07 41.53 -30.10
N ARG E 4 40.16 34.73 -34.39
CA ARG E 4 39.37 35.83 -33.87
C ARG E 4 38.12 35.29 -33.17
N ARG E 5 37.27 34.60 -33.93
CA ARG E 5 36.15 33.86 -33.37
C ARG E 5 36.38 32.35 -33.36
N ALA E 6 37.44 31.86 -34.02
CA ALA E 6 37.76 30.44 -33.95
C ALA E 6 38.15 30.01 -32.54
N GLN E 7 38.51 30.96 -31.67
CA GLN E 7 38.67 30.68 -30.25
C GLN E 7 37.32 30.65 -29.54
N HIS E 8 36.31 31.32 -30.10
CA HIS E 8 34.97 31.30 -29.55
C HIS E 8 34.17 30.09 -30.03
N ASN E 9 34.56 29.51 -31.17
CA ASN E 9 34.09 28.16 -31.52
C ASN E 9 34.58 27.15 -30.49
N GLU E 10 35.78 27.36 -29.94
CA GLU E 10 36.29 26.50 -28.88
C GLU E 10 35.48 26.69 -27.60
N VAL E 11 35.03 27.92 -27.32
CA VAL E 11 34.28 28.18 -26.09
C VAL E 11 32.91 27.53 -26.14
N GLU E 12 32.26 27.56 -27.31
CA GLU E 12 30.94 26.95 -27.45
C GLU E 12 31.02 25.43 -27.49
N ARG E 13 31.98 24.88 -28.23
CA ARG E 13 32.14 23.42 -28.30
C ARG E 13 32.38 22.84 -26.92
N ARG E 14 33.08 23.58 -26.05
CA ARG E 14 33.24 23.17 -24.66
C ARG E 14 31.89 23.11 -23.95
N ARG E 15 31.03 24.10 -24.17
CA ARG E 15 29.75 24.14 -23.46
C ARG E 15 28.81 23.05 -23.94
N ARG E 16 28.71 22.83 -25.26
CA ARG E 16 27.83 21.78 -25.75
C ARG E 16 28.32 20.42 -25.28
N ASP E 17 29.64 20.22 -25.26
CA ASP E 17 30.18 18.98 -24.74
C ASP E 17 29.83 18.78 -23.28
N LYS E 18 29.82 19.87 -22.50
CA LYS E 18 29.41 19.78 -21.10
C LYS E 18 27.96 19.32 -21.00
N ILE E 19 27.08 19.84 -21.86
CA ILE E 19 25.67 19.53 -21.76
C ILE E 19 25.38 18.11 -22.21
N ASN E 20 25.99 17.68 -23.33
CA ASN E 20 25.81 16.30 -23.78
C ASN E 20 26.33 15.30 -22.74
N ASN E 21 27.49 15.58 -22.15
CA ASN E 21 28.02 14.69 -21.13
C ASN E 21 27.27 14.82 -19.80
N TRP E 22 26.54 15.91 -19.60
CA TRP E 22 25.61 15.96 -18.48
C TRP E 22 24.29 15.30 -18.81
N ILE E 23 24.06 14.93 -20.07
CA ILE E 23 22.93 14.07 -20.40
C ILE E 23 23.31 12.61 -20.20
N VAL E 24 24.51 12.22 -20.65
CA VAL E 24 24.91 10.82 -20.53
C VAL E 24 25.16 10.49 -19.06
N GLN E 25 25.67 11.44 -18.26
CA GLN E 25 25.70 11.24 -16.82
C GLN E 25 24.30 11.07 -16.28
N LEU E 26 23.35 11.89 -16.75
CA LEU E 26 21.95 11.67 -16.43
C LEU E 26 21.46 10.35 -17.02
N SER E 27 21.80 10.09 -18.29
CA SER E 27 21.31 8.88 -18.96
C SER E 27 21.72 7.62 -18.22
N LYS E 28 22.90 7.63 -17.58
CA LYS E 28 23.42 6.44 -16.91
C LYS E 28 22.74 6.18 -15.57
N ILE E 29 22.06 7.18 -15.00
CA ILE E 29 21.52 7.09 -13.64
C ILE E 29 19.99 7.04 -13.62
N ILE E 30 19.32 7.10 -14.76
CA ILE E 30 17.90 6.83 -14.85
C ILE E 30 17.73 5.36 -15.24
N PRO E 31 17.02 4.56 -14.43
CA PRO E 31 16.88 3.13 -14.76
C PRO E 31 16.13 2.86 -16.06
N ASP E 32 15.31 3.81 -16.54
CA ASP E 32 14.56 3.57 -17.78
C ASP E 32 15.50 3.54 -18.99
N CYS E 33 16.38 4.54 -19.11
CA CYS E 33 17.32 4.58 -20.22
C CYS E 33 18.35 3.47 -20.15
N ASN E 34 18.57 2.90 -18.96
CA ASN E 34 19.53 1.82 -18.79
C ASN E 34 19.06 0.53 -19.43
N ALA E 35 17.78 0.41 -19.76
CA ALA E 35 17.25 -0.81 -20.37
C ALA E 35 16.27 -0.56 -21.51
N ASP E 36 16.06 0.68 -21.93
CA ASP E 36 15.13 0.99 -23.02
C ASP E 36 15.95 1.24 -24.28
N ASN E 37 16.11 0.19 -25.08
CA ASN E 37 16.75 0.30 -26.39
C ASN E 37 15.71 0.86 -27.37
N SER E 38 15.58 2.18 -27.36
CA SER E 38 14.62 2.88 -28.19
C SER E 38 15.32 4.04 -28.90
N LYS E 39 14.87 4.32 -30.13
CA LYS E 39 15.46 5.43 -30.88
C LYS E 39 15.12 6.77 -30.24
N THR E 40 13.92 6.90 -29.69
CA THR E 40 13.50 8.12 -29.02
C THR E 40 13.92 8.13 -27.55
N GLY E 41 13.95 6.97 -26.89
CA GLY E 41 14.45 6.92 -25.54
C GLY E 41 15.94 7.23 -25.43
N ALA E 42 16.73 6.71 -26.37
CA ALA E 42 18.16 6.99 -26.38
C ALA E 42 18.50 8.35 -26.95
N SER E 43 17.51 9.09 -27.45
CA SER E 43 17.74 10.44 -27.94
C SER E 43 18.11 11.38 -26.79
N LYS E 44 18.90 12.41 -27.11
CA LYS E 44 19.24 13.42 -26.10
C LYS E 44 17.98 14.02 -25.49
N GLY E 45 17.00 14.37 -26.32
CA GLY E 45 15.74 14.90 -25.81
C GLY E 45 14.91 13.89 -25.06
N GLY E 46 15.08 12.59 -25.35
CA GLY E 46 14.37 11.58 -24.60
C GLY E 46 14.79 11.49 -23.15
N ILE E 47 16.11 11.58 -22.90
CA ILE E 47 16.61 11.50 -21.54
C ILE E 47 16.05 12.62 -20.67
N LEU E 48 15.62 13.72 -21.27
CA LEU E 48 15.06 14.81 -20.49
C LEU E 48 13.68 14.46 -19.95
N SER E 49 12.77 14.05 -20.83
CA SER E 49 11.43 13.66 -20.41
C SER E 49 11.40 12.33 -19.67
N LYS E 50 12.51 11.58 -19.67
CA LYS E 50 12.59 10.38 -18.84
C LYS E 50 13.03 10.72 -17.42
N ALA E 51 14.05 11.59 -17.30
CA ALA E 51 14.46 12.11 -16.00
C ALA E 51 13.39 13.03 -15.41
N CYS E 52 12.73 13.82 -16.26
CA CYS E 52 11.65 14.67 -15.79
C CYS E 52 10.52 13.83 -15.20
N ASP E 53 10.29 12.63 -15.73
CA ASP E 53 9.35 11.69 -15.10
C ASP E 53 9.96 11.02 -13.88
N TYR E 54 11.21 10.55 -14.01
CA TYR E 54 11.85 9.80 -12.92
C TYR E 54 11.89 10.62 -11.65
N ILE E 55 12.08 11.93 -11.77
CA ILE E 55 12.03 12.80 -10.61
C ILE E 55 10.60 12.91 -10.10
N ARG E 56 9.63 13.07 -11.01
CA ARG E 56 8.24 13.17 -10.60
C ARG E 56 7.82 11.98 -9.76
N GLU E 57 8.36 10.80 -10.07
CA GLU E 57 7.97 9.58 -9.36
C GLU E 57 8.71 9.43 -8.04
N LEU E 58 9.96 9.89 -7.96
CA LEU E 58 10.66 9.89 -6.67
C LEU E 58 10.07 10.92 -5.72
N ARG E 59 9.66 12.07 -6.25
CA ARG E 59 8.91 13.03 -5.44
C ARG E 59 7.60 12.43 -4.96
N GLN E 60 6.90 11.70 -5.84
CA GLN E 60 5.66 11.04 -5.47
C GLN E 60 5.88 9.98 -4.40
N THR E 61 7.07 9.38 -4.33
CA THR E 61 7.31 8.37 -3.31
C THR E 61 7.67 9.00 -1.96
N ASN E 62 8.65 9.90 -1.93
CA ASN E 62 8.99 10.58 -0.68
C ASN E 62 7.83 11.36 -0.12
N GLN E 63 7.13 12.13 -0.96
CA GLN E 63 5.99 12.87 -0.46
C GLN E 63 4.84 11.94 -0.09
N ARG E 64 4.83 10.70 -0.60
CA ARG E 64 3.99 9.66 -0.02
C ARG E 64 4.65 9.04 1.21
N MET E 65 5.97 8.85 1.15
CA MET E 65 6.68 8.15 2.21
C MET E 65 6.58 8.91 3.53
N GLN E 66 6.75 10.23 3.47
CA GLN E 66 6.70 11.04 4.69
C GLN E 66 5.27 11.23 5.18
N GLU E 67 4.31 11.38 4.27
CA GLU E 67 2.94 11.69 4.68
C GLU E 67 2.33 10.60 5.55
N THR E 68 2.88 9.38 5.49
CA THR E 68 2.47 8.33 6.40
C THR E 68 3.09 8.48 7.79
N PHE E 69 4.11 9.32 7.94
CA PHE E 69 4.69 9.58 9.25
C PHE E 69 3.94 10.64 10.03
N LYS E 70 3.27 11.58 9.34
CA LYS E 70 2.36 12.49 10.04
C LYS E 70 1.20 11.74 10.66
N GLU E 71 0.96 10.50 10.25
CA GLU E 71 -0.09 9.66 10.80
C GLU E 71 0.41 8.45 11.55
N ALA E 72 1.71 8.12 11.45
CA ALA E 72 2.29 7.15 12.37
C ALA E 72 2.30 7.66 13.79
N GLU E 73 2.05 8.96 13.98
CA GLU E 73 1.68 9.47 15.29
C GLU E 73 0.51 8.68 15.86
N ARG E 74 -0.44 8.29 15.01
CA ARG E 74 -1.63 7.59 15.44
C ARG E 74 -1.44 6.07 15.53
N LEU E 75 -0.20 5.60 15.72
CA LEU E 75 -0.02 4.25 16.24
C LEU E 75 -0.46 4.19 17.69
N GLN E 76 -0.37 5.31 18.40
CA GLN E 76 -0.98 5.40 19.73
C GLN E 76 -2.50 5.50 19.63
N MET E 77 -3.02 5.98 18.50
CA MET E 77 -4.48 6.01 18.34
C MET E 77 -5.06 4.61 18.28
N ASP E 78 -4.48 3.74 17.44
CA ASP E 78 -4.99 2.38 17.33
C ASP E 78 -4.52 1.49 18.47
N ASN E 79 -3.45 1.87 19.17
CA ASN E 79 -3.10 1.23 20.44
C ASN E 79 -4.28 1.30 21.40
N GLU E 80 -4.72 2.52 21.70
CA GLU E 80 -5.84 2.72 22.62
C GLU E 80 -7.16 2.27 21.99
N LEU E 81 -7.22 2.18 20.66
CA LEU E 81 -8.34 1.47 20.04
C LEU E 81 -8.18 -0.04 20.15
N LEU E 82 -6.94 -0.54 20.26
CA LEU E 82 -6.76 -1.97 20.48
C LEU E 82 -6.69 -2.29 21.97
N ARG E 83 -5.96 -1.48 22.75
CA ARG E 83 -5.73 -1.82 24.15
C ARG E 83 -7.03 -1.81 24.95
N GLN E 84 -7.82 -0.75 24.80
CA GLN E 84 -9.02 -0.61 25.61
C GLN E 84 -10.24 -1.27 24.96
N GLN E 85 -10.46 -1.05 23.66
CA GLN E 85 -11.75 -1.38 23.06
C GLN E 85 -11.94 -2.88 22.91
N ILE E 86 -10.92 -3.61 22.44
CA ILE E 86 -11.15 -4.99 22.03
C ILE E 86 -11.40 -5.89 23.25
N GLU E 87 -10.71 -5.61 24.37
CA GLU E 87 -10.94 -6.40 25.58
C GLU E 87 -12.24 -6.01 26.27
N GLU E 88 -12.60 -4.71 26.23
CA GLU E 88 -13.88 -4.29 26.77
C GLU E 88 -15.01 -5.11 26.17
N LEU E 89 -14.97 -5.33 24.86
CA LEU E 89 -16.02 -6.09 24.20
C LEU E 89 -15.81 -7.59 24.37
N LYS E 90 -14.56 -8.06 24.32
CA LYS E 90 -14.28 -9.48 24.49
C LYS E 90 -14.71 -9.97 25.86
N ASN E 91 -14.37 -9.22 26.92
CA ASN E 91 -14.79 -9.60 28.26
C ASN E 91 -16.31 -9.57 28.37
N GLU E 92 -16.93 -8.51 27.85
CA GLU E 92 -18.39 -8.46 27.80
C GLU E 92 -18.92 -9.57 26.89
N ASN E 93 -18.20 -9.86 25.80
CA ASN E 93 -18.62 -10.95 24.92
C ASN E 93 -18.59 -12.29 25.66
N ALA E 94 -17.46 -12.60 26.29
CA ALA E 94 -17.34 -13.85 27.03
C ALA E 94 -18.29 -13.89 28.22
N LEU E 95 -18.45 -12.76 28.90
CA LEU E 95 -19.38 -12.69 30.03
C LEU E 95 -20.81 -12.95 29.57
N LEU E 96 -21.27 -12.21 28.56
CA LEU E 96 -22.66 -12.32 28.14
C LEU E 96 -22.94 -13.63 27.44
N ARG E 97 -21.96 -14.18 26.71
CA ARG E 97 -22.12 -15.49 26.12
C ARG E 97 -22.26 -16.57 27.18
N ALA E 98 -21.57 -16.41 28.31
CA ALA E 98 -21.75 -17.33 29.43
C ALA E 98 -23.08 -17.09 30.14
N GLN E 99 -23.55 -15.85 30.19
CA GLN E 99 -24.85 -15.58 30.80
C GLN E 99 -25.99 -16.15 29.95
N LEU E 100 -25.79 -16.21 28.62
CA LEU E 100 -26.79 -16.84 27.75
C LEU E 100 -26.84 -18.33 27.98
N GLN E 101 -25.71 -19.00 27.76
CA GLN E 101 -25.66 -20.46 27.71
C GLN E 101 -25.75 -21.09 29.10
N GLN E 102 -25.92 -20.28 30.14
CA GLN E 102 -26.18 -20.86 31.47
C GLN E 102 -27.70 -20.99 31.64
N HIS E 103 -28.45 -20.08 30.99
CA HIS E 103 -29.93 -20.13 31.06
C HIS E 103 -30.48 -20.91 29.86
N ASN E 104 -29.67 -21.07 28.80
CA ASN E 104 -30.11 -21.91 27.67
C ASN E 104 -30.11 -23.36 28.14
N LEU E 105 -29.38 -23.66 29.22
CA LEU E 105 -29.38 -25.03 29.80
C LEU E 105 -30.65 -25.19 30.62
N GLU E 106 -31.16 -24.09 31.17
CA GLU E 106 -32.45 -24.14 31.92
C GLU E 106 -33.62 -24.16 30.93
N MET E 107 -33.44 -23.61 29.73
CA MET E 107 -34.51 -23.69 28.71
C MET E 107 -34.83 -25.18 28.50
N VAL E 108 -33.80 -26.01 28.36
CA VAL E 108 -34.02 -27.47 28.24
C VAL E 108 -34.62 -27.99 29.54
N GLY E 109 -34.16 -27.47 30.69
CA GLY E 109 -34.79 -27.83 31.98
C GLY E 109 -36.30 -27.59 32.00
N GLU E 110 -36.72 -26.36 31.72
CA GLU E 110 -38.16 -26.00 31.73
C GLU E 110 -38.91 -26.81 30.66
N GLY E 111 -38.58 -26.62 29.39
CA GLY E 111 -39.31 -27.30 28.31
C GLY E 111 -38.49 -28.40 27.66
N THR E 112 -39.00 -29.65 27.69
CA THR E 112 -38.27 -30.80 27.09
C THR E 112 -38.81 -31.08 25.69
N ARG E 113 -38.35 -32.18 25.05
CA ARG E 113 -38.78 -32.50 23.66
C ARG E 113 -39.36 -33.92 23.61
N GLN E 114 -40.67 -34.05 23.82
CA GLN E 114 -41.35 -35.37 23.72
C GLN E 114 -42.84 -35.15 23.48
N ARG F 4 11.42 26.71 -48.54
CA ARG F 4 11.75 25.31 -48.77
C ARG F 4 12.22 24.67 -47.47
N ARG F 5 13.34 25.17 -46.96
CA ARG F 5 13.90 24.76 -45.69
C ARG F 5 13.20 25.39 -44.51
N ALA F 6 12.24 26.30 -44.75
CA ALA F 6 11.53 26.97 -43.68
C ALA F 6 10.73 26.00 -42.82
N GLN F 7 10.35 24.83 -43.36
CA GLN F 7 9.73 23.82 -42.51
C GLN F 7 10.76 23.13 -41.62
N HIS F 8 11.99 22.98 -42.09
CA HIS F 8 13.03 22.36 -41.29
C HIS F 8 13.53 23.30 -40.20
N ASN F 9 13.50 24.61 -40.47
CA ASN F 9 13.74 25.59 -39.41
C ASN F 9 12.64 25.51 -38.34
N GLU F 10 11.39 25.41 -38.78
CA GLU F 10 10.29 25.28 -37.83
C GLU F 10 10.37 23.96 -37.07
N VAL F 11 10.85 22.89 -37.72
CA VAL F 11 11.00 21.61 -37.04
C VAL F 11 12.09 21.66 -35.99
N GLU F 12 13.23 22.28 -36.34
CA GLU F 12 14.29 22.46 -35.35
C GLU F 12 13.82 23.36 -34.21
N ARG F 13 13.03 24.40 -34.54
CA ARG F 13 12.48 25.26 -33.51
C ARG F 13 11.57 24.49 -32.56
N ARG F 14 10.78 23.55 -33.10
CA ARG F 14 9.93 22.72 -32.25
C ARG F 14 10.76 21.78 -31.39
N ARG F 15 11.80 21.17 -31.96
CA ARG F 15 12.63 20.26 -31.18
C ARG F 15 13.37 21.00 -30.08
N ARG F 16 13.94 22.16 -30.39
CA ARG F 16 14.63 22.95 -29.37
C ARG F 16 13.66 23.57 -28.38
N ASP F 17 12.38 23.68 -28.74
CA ASP F 17 11.39 24.10 -27.75
C ASP F 17 11.11 22.97 -26.76
N LYS F 18 11.00 21.73 -27.24
CA LYS F 18 10.68 20.62 -26.35
C LYS F 18 11.74 20.43 -25.28
N ILE F 19 13.03 20.49 -25.65
CA ILE F 19 14.07 20.25 -24.66
C ILE F 19 14.22 21.44 -23.72
N ASN F 20 14.02 22.67 -24.22
CA ASN F 20 13.97 23.81 -23.31
C ASN F 20 12.76 23.74 -22.39
N ASN F 21 11.61 23.30 -22.91
CA ASN F 21 10.50 23.05 -22.01
C ASN F 21 10.78 21.90 -21.07
N TRP F 22 11.70 21.01 -21.44
CA TRP F 22 12.08 19.90 -20.57
C TRP F 22 13.13 20.28 -19.54
N ILE F 23 13.98 21.27 -19.83
CA ILE F 23 14.87 21.74 -18.76
C ILE F 23 14.13 22.72 -17.88
N VAL F 24 13.19 23.49 -18.42
CA VAL F 24 12.42 24.39 -17.58
C VAL F 24 11.40 23.62 -16.76
N GLN F 25 10.83 22.54 -17.31
CA GLN F 25 10.05 21.62 -16.47
C GLN F 25 10.95 20.95 -15.45
N LEU F 26 12.20 20.65 -15.84
CA LEU F 26 13.17 20.14 -14.89
C LEU F 26 13.57 21.22 -13.89
N SER F 27 13.88 22.42 -14.39
CA SER F 27 14.36 23.49 -13.50
C SER F 27 13.31 23.84 -12.45
N LYS F 28 12.04 23.90 -12.85
CA LYS F 28 11.00 24.37 -11.94
C LYS F 28 10.67 23.37 -10.84
N ILE F 29 11.36 22.24 -10.73
CA ILE F 29 11.06 21.25 -9.70
C ILE F 29 12.26 20.88 -8.83
N ILE F 30 13.48 21.04 -9.35
CA ILE F 30 14.65 20.77 -8.52
C ILE F 30 14.78 21.88 -7.49
N PRO F 31 14.71 21.58 -6.19
CA PRO F 31 14.86 22.63 -5.18
C PRO F 31 16.23 23.27 -5.16
N ASP F 32 17.26 22.58 -5.66
CA ASP F 32 18.61 23.15 -5.71
C ASP F 32 18.63 24.44 -6.53
N CYS F 33 17.72 24.57 -7.50
CA CYS F 33 17.59 25.76 -8.33
C CYS F 33 16.11 26.14 -8.50
N ASN F 34 15.35 26.10 -7.40
CA ASN F 34 13.91 26.46 -7.43
C ASN F 34 13.75 27.95 -7.11
N ALA F 35 14.06 28.77 -8.12
CA ALA F 35 13.91 30.23 -8.04
C ALA F 35 14.70 30.83 -6.86
N ASP F 36 15.86 30.26 -6.59
CA ASP F 36 16.81 30.78 -5.60
C ASP F 36 18.22 30.89 -6.14
N ASN F 37 18.54 30.18 -7.23
CA ASN F 37 19.88 29.97 -7.74
C ASN F 37 20.25 31.09 -8.69
N SER F 38 21.55 31.33 -8.82
CA SER F 38 22.07 32.49 -9.56
C SER F 38 22.03 32.24 -11.06
N LYS F 39 22.64 33.13 -11.84
CA LYS F 39 22.76 32.94 -13.29
C LYS F 39 23.79 31.89 -13.65
N THR F 40 24.63 31.48 -12.70
CA THR F 40 25.61 30.42 -12.95
C THR F 40 25.05 29.03 -12.69
N GLY F 41 24.07 28.90 -11.78
CA GLY F 41 23.45 27.63 -11.48
C GLY F 41 22.12 27.42 -12.19
N ALA F 42 21.46 28.51 -12.57
CA ALA F 42 20.35 28.43 -13.50
C ALA F 42 20.82 28.25 -14.92
N SER F 43 22.13 28.20 -15.13
CA SER F 43 22.69 27.76 -16.40
C SER F 43 22.16 26.38 -16.75
N LYS F 44 21.80 26.21 -18.01
CA LYS F 44 21.13 24.98 -18.43
C LYS F 44 22.01 23.76 -18.19
N GLY F 45 23.31 23.86 -18.48
CA GLY F 45 24.22 22.79 -18.11
C GLY F 45 24.36 22.58 -16.62
N GLY F 46 24.04 23.59 -15.82
CA GLY F 46 24.10 23.48 -14.38
C GLY F 46 22.89 22.80 -13.77
N ILE F 47 21.70 23.04 -14.34
CA ILE F 47 20.51 22.32 -13.90
C ILE F 47 20.69 20.83 -14.11
N LEU F 48 21.44 20.44 -15.14
CA LEU F 48 21.70 19.02 -15.40
C LEU F 48 22.55 18.41 -14.31
N SER F 49 23.64 19.08 -13.92
CA SER F 49 24.43 18.62 -12.79
C SER F 49 23.65 18.65 -11.48
N LYS F 50 22.62 19.49 -11.38
CA LYS F 50 21.82 19.56 -10.17
C LYS F 50 20.70 18.53 -10.18
N ALA F 51 20.09 18.30 -11.35
CA ALA F 51 19.19 17.16 -11.50
C ALA F 51 19.95 15.86 -11.38
N CYS F 52 21.18 15.83 -11.88
CA CYS F 52 22.03 14.65 -11.70
C CYS F 52 22.32 14.43 -10.22
N ASP F 53 22.50 15.50 -9.46
CA ASP F 53 22.59 15.37 -8.01
C ASP F 53 21.25 14.95 -7.42
N TYR F 54 20.18 15.67 -7.78
CA TYR F 54 18.90 15.47 -7.11
C TYR F 54 18.44 14.02 -7.24
N ILE F 55 18.61 13.43 -8.42
CA ILE F 55 18.25 12.03 -8.63
C ILE F 55 19.18 11.11 -7.85
N ARG F 56 20.49 11.34 -7.99
CA ARG F 56 21.47 10.55 -7.26
C ARG F 56 21.24 10.66 -5.76
N GLU F 57 20.83 11.84 -5.30
CA GLU F 57 20.61 12.11 -3.89
C GLU F 57 19.27 11.60 -3.39
N LEU F 58 18.26 11.53 -4.26
CA LEU F 58 16.96 11.02 -3.82
C LEU F 58 16.93 9.50 -3.77
N ARG F 59 17.70 8.82 -4.62
CA ARG F 59 17.71 7.36 -4.60
C ARG F 59 18.24 6.82 -3.28
N GLN F 60 19.32 7.42 -2.76
CA GLN F 60 19.84 6.99 -1.47
C GLN F 60 18.91 7.41 -0.34
N THR F 61 18.22 8.54 -0.50
CA THR F 61 17.20 8.94 0.48
C THR F 61 16.02 8.00 0.46
N ASN F 62 15.46 7.74 -0.74
CA ASN F 62 14.37 6.78 -0.87
C ASN F 62 14.73 5.43 -0.27
N GLN F 63 15.99 5.00 -0.45
CA GLN F 63 16.41 3.71 0.05
C GLN F 63 16.59 3.70 1.57
N ARG F 64 16.82 4.87 2.18
CA ARG F 64 16.85 4.95 3.64
C ARG F 64 15.44 4.85 4.22
N MET F 65 14.48 5.57 3.63
CA MET F 65 13.11 5.57 4.16
C MET F 65 12.51 4.17 4.18
N GLN F 66 12.53 3.49 3.03
CA GLN F 66 11.84 2.21 2.92
C GLN F 66 12.50 1.11 3.76
N GLU F 67 13.70 1.35 4.28
CA GLU F 67 14.24 0.49 5.32
C GLU F 67 13.37 0.54 6.57
N THR F 68 12.96 1.74 6.97
CA THR F 68 12.08 1.92 8.13
C THR F 68 10.61 1.95 7.73
N PHE F 69 10.29 2.55 6.59
CA PHE F 69 8.90 2.73 6.19
C PHE F 69 8.15 1.39 6.13
N LYS F 70 8.85 0.32 5.77
CA LYS F 70 8.18 -0.98 5.66
C LYS F 70 7.54 -1.39 6.98
N GLU F 71 8.27 -1.21 8.08
CA GLU F 71 7.68 -1.46 9.40
C GLU F 71 6.65 -0.39 9.76
N ALA F 72 6.86 0.86 9.33
CA ALA F 72 5.90 1.92 9.63
C ALA F 72 4.61 1.75 8.86
N GLU F 73 4.67 1.12 7.67
CA GLU F 73 3.45 0.92 6.88
C GLU F 73 2.48 0.00 7.60
N ARG F 74 2.99 -1.07 8.24
CA ARG F 74 2.07 -2.10 8.73
C ARG F 74 1.24 -1.62 9.90
N LEU F 75 1.55 -0.44 10.47
CA LEU F 75 0.71 0.11 11.52
C LEU F 75 -0.68 0.46 10.99
N GLN F 76 -0.78 0.90 9.73
CA GLN F 76 -2.08 1.15 9.12
C GLN F 76 -2.75 -0.16 8.73
N MET F 77 -1.97 -1.15 8.28
CA MET F 77 -2.51 -2.48 8.03
C MET F 77 -3.19 -3.01 9.29
N ASP F 78 -2.48 -2.93 10.41
CA ASP F 78 -3.06 -3.36 11.68
C ASP F 78 -4.19 -2.44 12.10
N ASN F 79 -4.10 -1.15 11.76
CA ASN F 79 -5.23 -0.27 12.03
C ASN F 79 -6.47 -0.74 11.28
N GLU F 80 -6.30 -1.17 10.03
CA GLU F 80 -7.42 -1.80 9.33
C GLU F 80 -7.83 -3.09 10.03
N LEU F 81 -6.85 -3.91 10.41
CA LEU F 81 -7.13 -5.18 11.08
C LEU F 81 -7.91 -4.97 12.37
N LEU F 82 -7.39 -4.10 13.23
CA LEU F 82 -7.95 -3.96 14.57
C LEU F 82 -9.25 -3.17 14.55
N ARG F 83 -9.41 -2.30 13.55
CA ARG F 83 -10.70 -1.64 13.34
C ARG F 83 -11.74 -2.63 12.84
N GLN F 84 -11.30 -3.66 12.11
CA GLN F 84 -12.21 -4.68 11.61
C GLN F 84 -12.58 -5.69 12.70
N GLN F 85 -11.64 -6.01 13.60
CA GLN F 85 -11.97 -6.88 14.72
C GLN F 85 -13.10 -6.31 15.55
N ILE F 86 -13.19 -4.98 15.62
CA ILE F 86 -14.22 -4.33 16.42
C ILE F 86 -15.60 -4.63 15.85
N GLU F 87 -15.71 -4.70 14.51
CA GLU F 87 -17.00 -4.98 13.88
C GLU F 87 -17.46 -6.41 14.18
N GLU F 88 -16.57 -7.39 14.12
CA GLU F 88 -16.95 -8.77 14.44
C GLU F 88 -17.47 -8.88 15.86
N LEU F 89 -16.78 -8.24 16.81
CA LEU F 89 -17.15 -8.31 18.20
C LEU F 89 -18.39 -7.48 18.50
N LYS F 90 -18.57 -6.37 17.78
CA LYS F 90 -19.79 -5.59 17.93
C LYS F 90 -21.02 -6.38 17.47
N ASN F 91 -20.91 -7.08 16.33
CA ASN F 91 -22.01 -7.91 15.87
C ASN F 91 -22.31 -9.04 16.84
N GLU F 92 -21.27 -9.67 17.38
CA GLU F 92 -21.47 -10.71 18.38
C GLU F 92 -22.03 -10.12 19.67
N ASN F 93 -21.54 -8.94 20.08
CA ASN F 93 -22.04 -8.31 21.30
C ASN F 93 -23.46 -7.80 21.11
N ALA F 94 -23.79 -7.29 19.91
CA ALA F 94 -25.18 -6.94 19.62
C ALA F 94 -26.05 -8.18 19.53
N LEU F 95 -25.51 -9.28 18.99
CA LEU F 95 -26.23 -10.54 18.96
C LEU F 95 -26.52 -11.05 20.36
N LEU F 96 -25.51 -10.99 21.24
CA LEU F 96 -25.64 -11.53 22.58
C LEU F 96 -26.47 -10.62 23.49
N ARG F 97 -26.47 -9.32 23.22
CA ARG F 97 -27.18 -8.38 24.09
C ARG F 97 -28.70 -8.46 23.91
N ALA F 98 -29.15 -8.86 22.71
CA ALA F 98 -30.58 -8.99 22.43
C ALA F 98 -31.11 -10.39 22.68
N GLN F 99 -30.28 -11.43 22.60
CA GLN F 99 -30.70 -12.77 22.95
C GLN F 99 -30.85 -12.93 24.46
N LEU F 100 -30.28 -12.02 25.23
CA LEU F 100 -30.46 -11.98 26.68
C LEU F 100 -31.60 -11.06 27.11
N GLN F 101 -32.13 -10.25 26.19
CA GLN F 101 -33.36 -9.51 26.47
C GLN F 101 -34.61 -10.36 26.27
N GLN F 102 -34.47 -11.50 25.57
CA GLN F 102 -35.51 -12.51 25.52
C GLN F 102 -35.42 -13.50 26.68
N HIS F 103 -34.34 -13.44 27.45
CA HIS F 103 -34.19 -14.32 28.64
C HIS F 103 -34.80 -13.62 29.85
N ASN F 104 -35.34 -12.41 29.66
CA ASN F 104 -36.07 -11.68 30.74
C ASN F 104 -35.24 -11.53 32.02
N LEU F 105 -33.95 -11.16 31.91
CA LEU F 105 -33.06 -10.93 33.08
C LEU F 105 -31.75 -10.42 32.49
N GLU F 106 -31.21 -9.30 32.96
CA GLU F 106 -29.99 -8.86 32.28
C GLU F 106 -28.75 -9.19 33.09
N MET F 107 -28.73 -8.79 34.36
CA MET F 107 -27.56 -8.92 35.21
C MET F 107 -27.93 -8.80 36.68
#